data_5TMS
#
_entry.id   5TMS
#
_cell.length_a   54.646
_cell.length_b   81.853
_cell.length_c   58.421
_cell.angle_alpha   90.000
_cell.angle_beta   110.810
_cell.angle_gamma   90.000
#
_symmetry.space_group_name_H-M   'P 1 21 1'
#
loop_
_entity.id
_entity.type
_entity.pdbx_description
1 polymer 'Estrogen receptor'
2 polymer 'Nuclear receptor coactivator 2'
3 non-polymer 'ethyl 3-(4-{[(1s,5s)-bicyclo[3.3.1]nonan-9-ylidene](4-hydroxyphenyl)methyl}phenyl)prop-2-enoate'
4 water water
#
loop_
_entity_poly.entity_id
_entity_poly.type
_entity_poly.pdbx_seq_one_letter_code
_entity_poly.pdbx_strand_id
1 'polypeptide(L)'
;IKRSKKNSLALSLTADQMVSALLDAEPPILYSEYDPTRPFSEASMMGLLTNLADRELVHMINWAKRVPGFVDLTLHDQVH
LLECAWLEILMIGLVWRSMEHPGKLLFAPNLLLDRNQGKCVEGMVEIFDMLLATSSRFRMMNLQGEEFVCLKSIILLNSG
VYTFLSSTLKSLEEKDHIHRVLDKITDTLIHLMAKAGLTLQQQHQRLAQLLLILSHIRHMSNKGMEHLYSMKCKNVVPLS
DLLLEMLDAHRLHAPTS
;
A,B
2 'polypeptide(L)' KHKILHRLLQDSS C,D
#
# COMPACT_ATOMS: atom_id res chain seq x y z
N SER A 8 -2.96 -29.18 1.18
CA SER A 8 -2.31 -28.45 2.26
C SER A 8 -3.13 -28.55 3.55
N LEU A 9 -2.47 -28.31 4.68
CA LEU A 9 -3.12 -28.40 5.97
C LEU A 9 -3.80 -27.10 6.39
N ALA A 10 -3.36 -25.96 5.85
CA ALA A 10 -3.95 -24.68 6.22
C ALA A 10 -5.39 -24.53 5.71
N LEU A 11 -5.69 -25.09 4.54
CA LEU A 11 -7.03 -24.93 3.96
C LEU A 11 -8.07 -25.73 4.72
N SER A 12 -7.66 -26.82 5.38
CA SER A 12 -8.61 -27.67 6.11
C SER A 12 -9.02 -27.11 7.46
N LEU A 13 -8.35 -26.05 7.93
CA LEU A 13 -8.69 -25.47 9.22
C LEU A 13 -10.07 -24.82 9.16
N THR A 14 -10.60 -24.50 10.34
CA THR A 14 -11.84 -23.76 10.48
C THR A 14 -11.55 -22.34 10.93
N ALA A 15 -12.59 -21.50 10.91
CA ALA A 15 -12.41 -20.08 11.22
C ALA A 15 -11.91 -19.89 12.65
N ASP A 16 -12.43 -20.69 13.59
CA ASP A 16 -11.98 -20.58 14.97
C ASP A 16 -10.63 -21.27 15.18
N GLN A 17 -10.40 -22.39 14.50
CA GLN A 17 -9.09 -23.04 14.59
C GLN A 17 -8.01 -22.21 13.93
N MET A 18 -8.37 -21.42 12.91
CA MET A 18 -7.42 -20.50 12.30
C MET A 18 -7.08 -19.36 13.25
N VAL A 19 -8.08 -18.86 13.98
CA VAL A 19 -7.85 -17.78 14.94
C VAL A 19 -6.94 -18.25 16.06
N SER A 20 -7.22 -19.43 16.62
CA SER A 20 -6.45 -19.92 17.75
C SER A 20 -5.03 -20.27 17.35
N ALA A 21 -4.84 -20.80 16.13
CA ALA A 21 -3.50 -21.16 15.67
C ALA A 21 -2.64 -19.91 15.49
N LEU A 22 -3.24 -18.81 15.03
CA LEU A 22 -2.49 -17.56 14.87
C LEU A 22 -2.23 -16.90 16.23
N LEU A 23 -3.22 -16.91 17.12
CA LEU A 23 -3.04 -16.34 18.45
C LEU A 23 -1.95 -17.08 19.21
N ASP A 24 -1.91 -18.42 19.10
CA ASP A 24 -0.90 -19.20 19.78
C ASP A 24 0.49 -18.97 19.21
N ALA A 25 0.58 -18.54 17.94
CA ALA A 25 1.86 -18.30 17.28
C ALA A 25 2.40 -16.89 17.50
N GLU A 26 1.68 -16.05 18.24
CA GLU A 26 2.05 -14.65 18.36
C GLU A 26 3.41 -14.51 19.04
N PRO A 27 4.33 -13.72 18.50
CA PRO A 27 5.63 -13.54 19.13
C PRO A 27 5.51 -12.73 20.40
N PRO A 28 6.49 -12.81 21.29
CA PRO A 28 6.43 -12.05 22.54
C PRO A 28 6.82 -10.59 22.34
N ILE A 29 6.49 -9.78 23.34
CA ILE A 29 6.87 -8.38 23.38
C ILE A 29 8.23 -8.29 24.07
N LEU A 30 9.25 -7.92 23.30
CA LEU A 30 10.61 -7.84 23.82
C LEU A 30 10.83 -6.49 24.51
N TYR A 31 11.91 -6.42 25.28
CA TYR A 31 12.29 -5.21 25.99
C TYR A 31 13.48 -4.56 25.30
N SER A 32 13.56 -3.24 25.43
CA SER A 32 14.74 -2.52 24.98
C SER A 32 15.84 -2.61 26.04
N GLU A 33 17.06 -2.27 25.64
CA GLU A 33 18.18 -2.25 26.57
C GLU A 33 17.90 -1.24 27.68
N TYR A 34 17.99 -1.70 28.92
CA TYR A 34 17.61 -0.89 30.08
C TYR A 34 18.60 0.23 30.36
N ASP A 35 18.53 0.78 31.58
CA ASP A 35 19.24 2.00 31.95
C ASP A 35 19.06 3.06 30.87
N PRO A 36 17.83 3.43 30.50
CA PRO A 36 17.67 4.40 29.41
C PRO A 36 17.90 5.82 29.90
N THR A 37 18.97 6.44 29.41
CA THR A 37 19.16 7.87 29.64
C THR A 37 17.97 8.62 29.05
N ARG A 38 17.25 9.35 29.91
CA ARG A 38 15.95 9.90 29.54
C ARG A 38 15.97 10.72 28.26
N PRO A 39 16.91 11.65 28.03
CA PRO A 39 17.01 12.26 26.70
C PRO A 39 17.97 11.50 25.81
N PHE A 40 17.54 11.17 24.60
CA PHE A 40 18.34 10.39 23.67
C PHE A 40 19.03 11.30 22.66
N SER A 41 20.14 10.81 22.10
CA SER A 41 20.77 11.41 20.95
C SER A 41 20.32 10.67 19.69
N GLU A 42 20.84 11.12 18.54
CA GLU A 42 20.46 10.45 17.30
C GLU A 42 21.02 9.03 17.23
N ALA A 43 22.26 8.85 17.68
CA ALA A 43 22.90 7.54 17.63
C ALA A 43 22.40 6.61 18.74
N SER A 44 22.10 7.15 19.92
CA SER A 44 21.63 6.32 21.01
C SER A 44 20.22 5.80 20.75
N MET A 45 19.37 6.64 20.16
CA MET A 45 18.01 6.21 19.86
C MET A 45 18.00 5.14 18.76
N MET A 46 18.73 5.37 17.67
CA MET A 46 18.83 4.36 16.63
C MET A 46 19.53 3.11 17.14
N GLY A 47 20.47 3.26 18.08
CA GLY A 47 21.12 2.09 18.67
C GLY A 47 20.13 1.19 19.38
N LEU A 48 19.25 1.78 20.20
CA LEU A 48 18.22 0.98 20.87
C LEU A 48 17.23 0.40 19.88
N LEU A 49 16.94 1.10 18.78
CA LEU A 49 15.92 0.66 17.84
C LEU A 49 16.44 -0.46 16.95
N THR A 50 17.64 -0.31 16.40
CA THR A 50 18.20 -1.37 15.55
C THR A 50 18.47 -2.64 16.36
N ASN A 51 18.90 -2.49 17.61
CA ASN A 51 19.07 -3.65 18.49
C ASN A 51 17.74 -4.34 18.74
N LEU A 52 16.70 -3.56 19.03
CA LEU A 52 15.38 -4.15 19.28
C LEU A 52 14.83 -4.82 18.02
N ALA A 53 14.90 -4.12 16.88
CA ALA A 53 14.37 -4.67 15.64
C ALA A 53 15.12 -5.94 15.23
N ASP A 54 16.42 -6.01 15.53
CA ASP A 54 17.20 -7.20 15.17
C ASP A 54 16.73 -8.42 15.96
N ARG A 55 16.41 -8.24 17.24
CA ARG A 55 15.94 -9.36 18.05
C ARG A 55 14.50 -9.71 17.70
N GLU A 56 13.67 -8.72 17.38
CA GLU A 56 12.30 -9.00 16.94
C GLU A 56 12.31 -9.82 15.65
N LEU A 57 13.26 -9.56 14.76
CA LEU A 57 13.33 -10.30 13.50
C LEU A 57 13.50 -11.79 13.72
N VAL A 58 14.32 -12.16 14.71
CA VAL A 58 14.52 -13.57 15.03
C VAL A 58 13.21 -14.22 15.44
N HIS A 59 12.39 -13.51 16.21
CA HIS A 59 11.10 -14.06 16.63
C HIS A 59 10.10 -14.05 15.48
N MET A 60 10.17 -13.04 14.61
CA MET A 60 9.26 -12.98 13.47
C MET A 60 9.50 -14.14 12.52
N ILE A 61 10.76 -14.47 12.26
CA ILE A 61 11.09 -15.58 11.37
C ILE A 61 10.51 -16.88 11.90
N ASN A 62 10.56 -17.08 13.22
CA ASN A 62 9.95 -18.26 13.81
C ASN A 62 8.44 -18.14 13.92
N TRP A 63 7.92 -16.91 14.02
CA TRP A 63 6.49 -16.71 13.96
C TRP A 63 5.94 -17.07 12.58
N ALA A 64 6.72 -16.79 11.52
CA ALA A 64 6.26 -17.04 10.16
C ALA A 64 6.06 -18.53 9.89
N LYS A 65 6.94 -19.36 10.44
CA LYS A 65 6.80 -20.81 10.27
C LYS A 65 5.48 -21.30 10.87
N ARG A 66 5.07 -20.72 11.99
CA ARG A 66 3.82 -21.10 12.64
C ARG A 66 2.59 -20.51 11.96
N VAL A 67 2.74 -19.83 10.83
CA VAL A 67 1.61 -19.30 10.07
C VAL A 67 1.10 -20.42 9.17
N PRO A 68 -0.18 -20.78 9.24
CA PRO A 68 -0.68 -21.91 8.43
C PRO A 68 -0.50 -21.65 6.94
N GLY A 69 0.15 -22.60 6.26
CA GLY A 69 0.41 -22.51 4.84
C GLY A 69 1.77 -21.97 4.49
N PHE A 70 2.52 -21.43 5.46
CA PHE A 70 3.82 -20.84 5.16
C PHE A 70 4.90 -21.91 5.01
N VAL A 71 4.83 -22.97 5.82
CA VAL A 71 5.81 -24.04 5.70
C VAL A 71 5.61 -24.82 4.40
N ASP A 72 4.37 -24.88 3.92
CA ASP A 72 4.10 -25.60 2.67
C ASP A 72 4.84 -24.99 1.49
N LEU A 73 5.12 -23.69 1.55
CA LEU A 73 5.85 -23.03 0.48
C LEU A 73 7.31 -23.49 0.47
N THR A 74 7.96 -23.28 -0.68
CA THR A 74 9.37 -23.63 -0.80
C THR A 74 10.22 -22.68 0.03
N LEU A 75 11.46 -23.11 0.31
CA LEU A 75 12.39 -22.28 1.05
C LEU A 75 12.65 -20.97 0.33
N HIS A 76 12.70 -21.01 -1.00
CA HIS A 76 12.92 -19.79 -1.79
C HIS A 76 11.76 -18.81 -1.62
N ASP A 77 10.52 -19.31 -1.66
CA ASP A 77 9.37 -18.42 -1.52
C ASP A 77 9.25 -17.87 -0.11
N GLN A 78 9.64 -18.65 0.90
CA GLN A 78 9.61 -18.14 2.27
C GLN A 78 10.58 -16.99 2.45
N VAL A 79 11.73 -17.06 1.78
CA VAL A 79 12.72 -15.98 1.87
C VAL A 79 12.16 -14.71 1.23
N HIS A 80 11.54 -14.85 0.05
CA HIS A 80 11.06 -13.67 -0.67
C HIS A 80 9.96 -12.96 0.10
N LEU A 81 9.05 -13.71 0.71
CA LEU A 81 7.93 -13.10 1.42
C LEU A 81 8.41 -12.33 2.65
N LEU A 82 9.33 -12.91 3.41
CA LEU A 82 9.82 -12.25 4.62
C LEU A 82 10.67 -11.03 4.29
N GLU A 83 11.49 -11.12 3.25
CA GLU A 83 12.36 -10.00 2.87
C GLU A 83 11.58 -8.76 2.45
N CYS A 84 10.43 -8.95 1.80
N CYS A 84 10.40 -8.98 1.87
CA CYS A 84 9.64 -7.79 1.39
CA CYS A 84 9.61 -7.90 1.33
C CYS A 84 8.58 -7.36 2.39
C CYS A 84 8.61 -7.38 2.38
N ALA A 85 8.29 -8.21 3.37
CA ALA A 85 7.26 -7.88 4.34
C ALA A 85 7.75 -7.55 5.75
N TRP A 86 9.06 -7.69 6.00
CA TRP A 86 9.55 -7.67 7.38
C TRP A 86 9.28 -6.32 8.06
N LEU A 87 9.51 -5.21 7.35
CA LEU A 87 9.32 -3.91 7.99
C LEU A 87 7.83 -3.62 8.19
N GLU A 88 6.98 -4.07 7.28
CA GLU A 88 5.53 -3.94 7.49
C GLU A 88 5.10 -4.71 8.73
N ILE A 89 5.66 -5.89 8.94
CA ILE A 89 5.26 -6.73 10.06
C ILE A 89 5.75 -6.13 11.39
N LEU A 90 6.96 -5.57 11.39
CA LEU A 90 7.42 -4.85 12.57
C LEU A 90 6.54 -3.65 12.85
N MET A 91 6.13 -2.93 11.81
CA MET A 91 5.38 -1.69 12.00
C MET A 91 3.96 -1.96 12.49
N ILE A 92 3.28 -2.93 11.87
CA ILE A 92 1.92 -3.23 12.31
C ILE A 92 1.92 -3.79 13.73
N GLY A 93 2.99 -4.49 14.11
CA GLY A 93 3.12 -4.90 15.51
C GLY A 93 3.33 -3.72 16.44
N LEU A 94 4.20 -2.80 16.05
CA LEU A 94 4.41 -1.58 16.84
C LEU A 94 3.12 -0.77 16.96
N VAL A 95 2.40 -0.62 15.83
CA VAL A 95 1.15 0.12 15.84
C VAL A 95 0.15 -0.54 16.78
N TRP A 96 0.05 -1.86 16.75
CA TRP A 96 -0.90 -2.56 17.60
C TRP A 96 -0.53 -2.42 19.08
N ARG A 97 0.76 -2.44 19.41
CA ARG A 97 1.19 -2.29 20.80
C ARG A 97 0.86 -0.90 21.32
N SER A 98 0.82 0.11 20.44
CA SER A 98 0.65 1.49 20.85
C SER A 98 -0.82 1.92 20.88
N MET A 99 -1.76 0.99 20.80
CA MET A 99 -3.17 1.36 20.70
C MET A 99 -3.66 2.06 21.96
N GLU A 100 -3.43 1.45 23.12
CA GLU A 100 -3.86 2.03 24.39
C GLU A 100 -2.90 3.09 24.92
N HIS A 101 -2.02 3.61 24.07
CA HIS A 101 -1.12 4.71 24.41
C HIS A 101 -1.24 5.77 23.33
N PRO A 102 -2.31 6.56 23.35
CA PRO A 102 -2.50 7.56 22.30
C PRO A 102 -1.43 8.63 22.35
N GLY A 103 -0.92 9.01 21.18
CA GLY A 103 0.12 10.00 21.07
C GLY A 103 1.52 9.49 21.29
N LYS A 104 1.69 8.21 21.60
CA LYS A 104 3.01 7.63 21.84
C LYS A 104 3.13 6.29 21.13
N LEU A 105 4.37 5.89 20.86
CA LEU A 105 4.68 4.63 20.21
C LEU A 105 5.42 3.73 21.20
N LEU A 106 4.87 2.54 21.43
CA LEU A 106 5.43 1.60 22.40
C LEU A 106 6.32 0.61 21.67
N PHE A 107 7.57 1.02 21.44
CA PHE A 107 8.55 0.11 20.84
C PHE A 107 8.82 -1.07 21.78
N ALA A 108 8.89 -0.80 23.08
CA ALA A 108 9.08 -1.80 24.11
C ALA A 108 8.31 -1.34 25.34
N PRO A 109 8.03 -2.25 26.28
CA PRO A 109 7.40 -1.81 27.53
C PRO A 109 8.22 -0.78 28.29
N ASN A 110 9.55 -0.79 28.12
CA ASN A 110 10.43 0.18 28.76
C ASN A 110 10.95 1.23 27.76
N LEU A 111 10.26 1.40 26.62
CA LEU A 111 10.70 2.36 25.60
C LEU A 111 9.44 2.92 24.93
N LEU A 112 8.83 3.91 25.58
CA LEU A 112 7.65 4.59 25.08
C LEU A 112 8.04 5.99 24.66
N LEU A 113 7.91 6.29 23.37
CA LEU A 113 8.44 7.51 22.78
C LEU A 113 7.32 8.42 22.29
N ASP A 114 7.54 9.73 22.43
CA ASP A 114 6.65 10.74 21.89
C ASP A 114 7.15 11.20 20.53
N ARG A 115 6.30 11.97 19.84
CA ARG A 115 6.68 12.49 18.53
C ARG A 115 7.79 13.54 18.64
N ASN A 116 7.87 14.22 19.80
CA ASN A 116 8.95 15.17 20.01
C ASN A 116 10.30 14.46 20.08
N GLN A 117 10.32 13.22 20.58
CA GLN A 117 11.56 12.47 20.63
C GLN A 117 11.97 11.95 19.25
N GLY A 118 11.04 11.95 18.29
CA GLY A 118 11.37 11.62 16.92
C GLY A 118 12.10 12.72 16.18
N LYS A 119 12.12 13.93 16.72
CA LYS A 119 12.86 15.04 16.12
C LYS A 119 14.37 14.88 16.27
N CYS A 120 14.83 13.93 17.08
CA CYS A 120 16.26 13.78 17.30
C CYS A 120 16.97 13.17 16.10
N VAL A 121 16.26 12.33 15.33
CA VAL A 121 16.80 11.72 14.13
C VAL A 121 16.12 12.36 12.93
N GLU A 122 16.91 12.76 11.93
CA GLU A 122 16.37 13.46 10.79
C GLU A 122 15.50 12.52 9.94
N GLY A 123 14.34 13.03 9.52
CA GLY A 123 13.42 12.27 8.69
C GLY A 123 12.59 11.25 9.44
N MET A 124 12.67 11.20 10.76
CA MET A 124 11.91 10.23 11.54
C MET A 124 10.60 10.78 12.07
N VAL A 125 10.39 12.09 12.02
CA VAL A 125 9.12 12.66 12.48
C VAL A 125 8.00 12.33 11.51
N GLU A 126 8.29 12.27 10.21
CA GLU A 126 7.27 11.92 9.23
C GLU A 126 6.81 10.49 9.43
N ILE A 127 7.75 9.56 9.61
CA ILE A 127 7.38 8.16 9.86
C ILE A 127 6.68 8.05 11.20
N PHE A 128 7.11 8.84 12.18
CA PHE A 128 6.47 8.83 13.50
C PHE A 128 5.00 9.20 13.41
N ASP A 129 4.70 10.31 12.75
CA ASP A 129 3.32 10.76 12.63
C ASP A 129 2.46 9.75 11.88
N MET A 130 3.01 9.15 10.83
CA MET A 130 2.27 8.13 10.10
C MET A 130 1.98 6.91 10.98
N LEU A 131 2.89 6.57 11.89
CA LEU A 131 2.67 5.45 12.79
C LEU A 131 1.62 5.80 13.85
N LEU A 132 1.71 6.99 14.42
CA LEU A 132 0.71 7.42 15.40
C LEU A 132 -0.68 7.49 14.78
N ALA A 133 -0.76 7.94 13.53
CA ALA A 133 -2.04 8.02 12.85
C ALA A 133 -2.63 6.63 12.61
N THR A 134 -1.78 5.66 12.28
CA THR A 134 -2.26 4.29 12.10
C THR A 134 -2.79 3.72 13.42
N SER A 135 -2.07 3.98 14.52
CA SER A 135 -2.52 3.51 15.82
C SER A 135 -3.83 4.16 16.23
N SER A 136 -3.95 5.47 16.00
CA SER A 136 -5.21 6.15 16.30
C SER A 136 -6.35 5.64 15.42
N ARG A 137 -6.03 5.19 14.21
CA ARG A 137 -7.06 4.62 13.35
C ARG A 137 -7.50 3.24 13.85
N PHE A 138 -6.55 2.44 14.33
CA PHE A 138 -6.91 1.15 14.92
C PHE A 138 -7.76 1.35 16.17
N ARG A 139 -7.46 2.38 16.96
CA ARG A 139 -8.20 2.62 18.20
C ARG A 139 -9.65 2.99 17.91
N MET A 140 -9.86 3.91 16.96
CA MET A 140 -11.21 4.33 16.62
C MET A 140 -12.02 3.18 16.04
N MET A 141 -11.37 2.27 15.31
CA MET A 141 -12.05 1.10 14.77
C MET A 141 -12.25 0.00 15.80
N ASN A 142 -11.64 0.13 16.99
CA ASN A 142 -11.71 -0.89 18.04
C ASN A 142 -11.19 -2.24 17.52
N LEU A 143 -9.98 -2.21 16.97
CA LEU A 143 -9.39 -3.40 16.37
C LEU A 143 -9.18 -4.48 17.43
N GLN A 144 -9.71 -5.67 17.17
CA GLN A 144 -9.57 -6.80 18.08
C GLN A 144 -8.30 -7.58 17.74
N GLY A 145 -7.73 -8.21 18.76
CA GLY A 145 -6.52 -8.98 18.56
C GLY A 145 -6.68 -10.13 17.57
N GLU A 146 -7.86 -10.73 17.53
CA GLU A 146 -8.13 -11.77 16.55
C GLU A 146 -8.09 -11.22 15.12
N GLU A 147 -8.50 -9.97 14.94
CA GLU A 147 -8.39 -9.32 13.64
C GLU A 147 -6.96 -8.89 13.35
N PHE A 148 -6.20 -8.52 14.38
CA PHE A 148 -4.83 -8.04 14.17
C PHE A 148 -3.92 -9.17 13.67
N VAL A 149 -4.03 -10.35 14.28
CA VAL A 149 -3.20 -11.47 13.85
C VAL A 149 -3.58 -11.89 12.43
N CYS A 150 -4.83 -11.69 12.04
CA CYS A 150 -5.24 -11.98 10.67
C CYS A 150 -4.62 -10.99 9.70
N LEU A 151 -4.63 -9.70 10.05
CA LEU A 151 -4.04 -8.68 9.18
C LEU A 151 -2.54 -8.89 9.03
N LYS A 152 -1.87 -9.32 10.09
CA LYS A 152 -0.42 -9.51 10.02
C LYS A 152 -0.04 -10.69 9.14
N SER A 153 -0.83 -11.77 9.20
CA SER A 153 -0.59 -12.89 8.30
C SER A 153 -0.87 -12.52 6.86
N ILE A 154 -1.90 -11.71 6.63
CA ILE A 154 -2.21 -11.24 5.28
C ILE A 154 -1.03 -10.46 4.72
N ILE A 155 -0.39 -9.61 5.53
CA ILE A 155 0.78 -8.87 5.08
C ILE A 155 1.88 -9.84 4.65
N LEU A 156 2.14 -10.86 5.47
CA LEU A 156 3.21 -11.80 5.18
C LEU A 156 3.02 -12.49 3.83
N LEU A 157 1.80 -12.96 3.57
CA LEU A 157 1.55 -13.76 2.37
C LEU A 157 1.28 -12.92 1.13
N ASN A 158 0.77 -11.70 1.31
CA ASN A 158 0.34 -10.90 0.16
C ASN A 158 1.43 -9.99 -0.38
N SER A 159 2.22 -9.37 0.51
CA SER A 159 3.10 -8.28 0.09
C SER A 159 4.13 -8.68 -0.95
N GLY A 160 4.49 -9.96 -1.02
CA GLY A 160 5.52 -10.37 -1.95
C GLY A 160 5.08 -11.37 -3.00
N VAL A 161 3.77 -11.64 -3.07
CA VAL A 161 3.29 -12.68 -3.98
C VAL A 161 3.29 -12.24 -5.44
N TYR A 162 3.27 -10.93 -5.71
CA TYR A 162 3.25 -10.43 -7.08
C TYR A 162 4.63 -10.23 -7.67
N THR A 163 5.67 -10.11 -6.82
CA THR A 163 7.04 -9.99 -7.29
C THR A 163 7.69 -11.35 -7.55
N PHE A 164 6.89 -12.39 -7.76
CA PHE A 164 7.40 -13.72 -8.08
C PHE A 164 7.79 -13.80 -9.56
N LYS A 175 1.71 -19.56 -6.41
CA LYS A 175 0.83 -18.39 -6.31
C LYS A 175 -0.60 -18.82 -5.96
N ASP A 176 -1.03 -19.95 -6.51
CA ASP A 176 -2.39 -20.42 -6.26
C ASP A 176 -2.59 -20.82 -4.81
N HIS A 177 -1.60 -21.47 -4.20
CA HIS A 177 -1.70 -21.86 -2.81
C HIS A 177 -1.75 -20.63 -1.90
N ILE A 178 -0.88 -19.65 -2.16
CA ILE A 178 -0.85 -18.44 -1.33
C ILE A 178 -2.17 -17.70 -1.41
N HIS A 179 -2.72 -17.57 -2.62
CA HIS A 179 -4.02 -16.92 -2.77
C HIS A 179 -5.13 -17.72 -2.11
N ARG A 180 -5.01 -19.04 -2.09
CA ARG A 180 -6.00 -19.86 -1.39
C ARG A 180 -5.95 -19.64 0.12
N VAL A 181 -4.75 -19.38 0.65
CA VAL A 181 -4.64 -19.09 2.08
C VAL A 181 -5.13 -17.67 2.38
N LEU A 182 -4.90 -16.73 1.45
CA LEU A 182 -5.42 -15.37 1.63
C LEU A 182 -6.94 -15.37 1.67
N ASP A 183 -7.58 -16.17 0.81
CA ASP A 183 -9.03 -16.29 0.87
C ASP A 183 -9.46 -16.95 2.18
N LYS A 184 -8.68 -17.91 2.67
CA LYS A 184 -9.03 -18.58 3.92
C LYS A 184 -8.99 -17.61 5.09
N ILE A 185 -8.01 -16.69 5.09
CA ILE A 185 -7.95 -15.68 6.14
C ILE A 185 -9.12 -14.70 6.00
N THR A 186 -9.47 -14.34 4.76
CA THR A 186 -10.61 -13.47 4.54
C THR A 186 -11.88 -14.07 5.12
N ASP A 187 -12.11 -15.36 4.90
CA ASP A 187 -13.25 -16.04 5.50
C ASP A 187 -13.18 -15.97 7.03
N THR A 188 -11.97 -15.89 7.58
CA THR A 188 -11.83 -15.82 9.03
C THR A 188 -12.14 -14.43 9.56
N LEU A 189 -11.77 -13.38 8.81
CA LEU A 189 -12.12 -12.02 9.21
C LEU A 189 -13.63 -11.84 9.25
N ILE A 190 -14.32 -12.26 8.19
CA ILE A 190 -15.78 -12.14 8.14
C ILE A 190 -16.42 -12.92 9.27
N HIS A 191 -15.90 -14.11 9.57
CA HIS A 191 -16.44 -14.90 10.67
C HIS A 191 -16.33 -14.17 12.00
N LEU A 192 -15.21 -13.49 12.24
CA LEU A 192 -15.05 -12.77 13.49
C LEU A 192 -15.99 -11.58 13.59
N MET A 193 -16.15 -10.84 12.49
CA MET A 193 -17.03 -9.67 12.51
C MET A 193 -18.48 -10.09 12.68
N ALA A 194 -18.89 -11.18 12.04
CA ALA A 194 -20.26 -11.65 12.18
C ALA A 194 -20.54 -12.17 13.58
N LYS A 195 -19.50 -12.63 14.28
CA LYS A 195 -19.67 -13.05 15.67
C LYS A 195 -19.95 -11.85 16.58
N ALA A 196 -19.30 -10.72 16.30
CA ALA A 196 -19.50 -9.51 17.10
C ALA A 196 -20.88 -8.88 16.90
N GLY A 197 -21.71 -9.43 16.02
CA GLY A 197 -23.04 -8.92 15.79
C GLY A 197 -23.17 -7.94 14.65
N LEU A 198 -22.10 -7.71 13.90
CA LEU A 198 -22.15 -6.75 12.79
C LEU A 198 -23.06 -7.27 11.69
N THR A 199 -23.86 -6.36 11.12
CA THR A 199 -24.76 -6.71 10.04
C THR A 199 -23.97 -7.07 8.79
N LEU A 200 -24.68 -7.61 7.79
CA LEU A 200 -24.03 -8.03 6.56
C LEU A 200 -23.34 -6.85 5.86
N GLN A 201 -23.96 -5.67 5.93
CA GLN A 201 -23.33 -4.49 5.34
C GLN A 201 -22.13 -4.04 6.15
N GLN A 202 -22.23 -4.09 7.49
CA GLN A 202 -21.12 -3.69 8.35
C GLN A 202 -19.93 -4.63 8.24
N GLN A 203 -20.15 -5.87 7.80
CA GLN A 203 -19.05 -6.83 7.72
C GLN A 203 -18.11 -6.50 6.57
N HIS A 204 -18.64 -6.36 5.36
CA HIS A 204 -17.78 -6.05 4.23
C HIS A 204 -17.30 -4.60 4.24
N GLN A 205 -18.01 -3.71 4.93
CA GLN A 205 -17.50 -2.36 5.10
C GLN A 205 -16.30 -2.34 6.04
N ARG A 206 -16.37 -3.11 7.14
CA ARG A 206 -15.23 -3.18 8.05
C ARG A 206 -14.08 -3.97 7.43
N LEU A 207 -14.40 -4.99 6.63
CA LEU A 207 -13.35 -5.73 5.94
C LEU A 207 -12.56 -4.82 5.02
N ALA A 208 -13.25 -3.92 4.30
CA ALA A 208 -12.57 -3.01 3.39
C ALA A 208 -11.74 -1.98 4.14
N GLN A 209 -12.25 -1.48 5.27
CA GLN A 209 -11.52 -0.46 6.03
C GLN A 209 -10.21 -1.01 6.56
N LEU A 210 -10.20 -2.25 7.04
CA LEU A 210 -8.98 -2.85 7.55
C LEU A 210 -7.96 -3.05 6.43
N LEU A 211 -8.41 -3.55 5.27
CA LEU A 211 -7.48 -3.88 4.20
C LEU A 211 -6.91 -2.63 3.53
N LEU A 212 -7.63 -1.51 3.59
CA LEU A 212 -7.08 -0.27 3.05
C LEU A 212 -5.95 0.27 3.91
N ILE A 213 -5.98 0.00 5.22
CA ILE A 213 -4.89 0.41 6.10
C ILE A 213 -3.60 -0.31 5.72
N LEU A 214 -3.72 -1.52 5.15
CA LEU A 214 -2.54 -2.23 4.67
C LEU A 214 -1.82 -1.46 3.58
N SER A 215 -2.55 -0.70 2.77
CA SER A 215 -1.92 0.13 1.75
C SER A 215 -1.04 1.21 2.39
N HIS A 216 -1.51 1.79 3.50
CA HIS A 216 -0.73 2.81 4.20
CA HIS A 216 -0.71 2.81 4.17
C HIS A 216 0.41 2.20 5.00
N ILE A 217 0.24 0.97 5.48
CA ILE A 217 1.34 0.28 6.14
C ILE A 217 2.45 -0.01 5.14
N ARG A 218 2.07 -0.41 3.92
CA ARG A 218 3.06 -0.56 2.86
C ARG A 218 3.77 0.75 2.56
N HIS A 219 3.03 1.86 2.59
CA HIS A 219 3.64 3.17 2.33
C HIS A 219 4.65 3.54 3.41
N MET A 220 4.29 3.31 4.68
CA MET A 220 5.22 3.61 5.77
C MET A 220 6.47 2.74 5.69
N SER A 221 6.31 1.48 5.27
CA SER A 221 7.46 0.60 5.12
C SER A 221 8.41 1.10 4.04
N ASN A 222 7.88 1.55 2.91
CA ASN A 222 8.73 2.08 1.85
C ASN A 222 9.45 3.34 2.30
N LYS A 223 8.76 4.20 3.05
CA LYS A 223 9.41 5.40 3.58
C LYS A 223 10.41 5.04 4.68
N GLY A 224 10.09 4.04 5.50
CA GLY A 224 11.04 3.61 6.51
C GLY A 224 12.25 2.90 5.92
N MET A 225 12.03 2.10 4.88
CA MET A 225 13.14 1.39 4.25
C MET A 225 14.15 2.37 3.67
N GLU A 226 13.66 3.43 3.01
CA GLU A 226 14.55 4.45 2.46
C GLU A 226 15.33 5.15 3.57
N HIS A 227 14.73 5.29 4.76
CA HIS A 227 15.42 5.94 5.85
C HIS A 227 16.52 5.06 6.42
N LEU A 228 16.28 3.75 6.50
CA LEU A 228 17.30 2.83 6.98
C LEU A 228 18.48 2.75 6.02
N TYR A 229 18.20 2.74 4.71
CA TYR A 229 19.27 2.79 3.72
C TYR A 229 20.06 4.08 3.83
N SER A 230 19.40 5.17 4.22
CA SER A 230 20.11 6.43 4.42
C SER A 230 21.11 6.33 5.56
N MET A 231 20.78 5.58 6.61
CA MET A 231 21.70 5.38 7.72
C MET A 231 22.80 4.38 7.41
N LYS A 232 22.63 3.57 6.37
CA LYS A 232 23.64 2.56 6.04
C LYS A 232 24.91 3.22 5.53
N CYS A 233 24.78 4.18 4.63
CA CYS A 233 25.95 4.92 4.13
C CYS A 233 26.36 6.09 5.03
N LYS A 234 25.43 6.57 5.85
CA LYS A 234 25.78 7.49 6.92
C LYS A 234 25.78 6.71 8.23
N ASN A 235 26.75 5.81 8.37
CA ASN A 235 26.75 4.80 9.42
C ASN A 235 27.09 5.45 10.76
N VAL A 236 26.07 6.01 11.40
CA VAL A 236 26.21 6.46 12.78
C VAL A 236 25.99 5.30 13.75
N VAL A 237 25.27 4.26 13.34
CA VAL A 237 25.06 3.07 14.15
C VAL A 237 25.28 1.85 13.26
N PRO A 238 26.13 0.89 13.66
CA PRO A 238 26.36 -0.29 12.82
C PRO A 238 25.17 -1.22 12.85
N LEU A 239 24.60 -1.47 11.66
CA LEU A 239 23.48 -2.39 11.54
C LEU A 239 23.97 -3.84 11.58
N SER A 240 23.16 -4.71 12.16
CA SER A 240 23.51 -6.12 12.22
C SER A 240 23.46 -6.74 10.82
N ASP A 241 24.21 -7.82 10.64
CA ASP A 241 24.30 -8.46 9.33
C ASP A 241 22.94 -8.95 8.87
N LEU A 242 22.14 -9.50 9.78
CA LEU A 242 20.78 -9.92 9.40
C LEU A 242 19.94 -8.72 8.98
N LEU A 243 20.04 -7.61 9.74
CA LEU A 243 19.30 -6.41 9.37
C LEU A 243 19.81 -5.82 8.07
N LEU A 244 21.09 -5.98 7.77
CA LEU A 244 21.62 -5.50 6.49
C LEU A 244 21.11 -6.35 5.32
N GLU A 245 21.02 -7.67 5.53
CA GLU A 245 20.52 -8.53 4.46
C GLU A 245 19.05 -8.29 4.20
N MET A 246 18.25 -8.08 5.25
CA MET A 246 16.85 -7.71 5.05
C MET A 246 16.73 -6.34 4.39
N LEU A 247 17.69 -5.44 4.64
CA LEU A 247 17.66 -4.11 4.05
C LEU A 247 18.15 -4.14 2.60
N ASP A 248 19.18 -4.94 2.31
CA ASP A 248 19.71 -5.02 0.96
C ASP A 248 18.72 -5.64 -0.02
N ALA A 249 17.76 -6.43 0.46
CA ALA A 249 16.79 -7.08 -0.41
C ALA A 249 15.77 -6.11 -0.99
N HIS A 250 15.83 -4.83 -0.64
CA HIS A 250 14.91 -3.81 -1.14
C HIS A 250 15.63 -2.77 -1.99
N ARG A 251 16.55 -3.23 -2.85
CA ARG A 251 17.30 -2.32 -3.71
C ARG A 251 17.60 -2.96 -5.05
N LYS B 5 -20.42 20.67 0.45
CA LYS B 5 -20.39 20.67 1.91
C LYS B 5 -21.56 19.88 2.47
N LYS B 6 -22.72 20.51 2.54
CA LYS B 6 -23.91 19.87 3.09
C LYS B 6 -24.72 19.20 1.99
N ASN B 7 -25.51 18.21 2.39
CA ASN B 7 -26.34 17.42 1.48
C ASN B 7 -25.50 16.84 0.34
N SER B 8 -24.58 15.97 0.74
CA SER B 8 -23.67 15.35 -0.23
C SER B 8 -24.44 14.49 -1.22
N LEU B 9 -24.23 14.74 -2.52
CA LEU B 9 -24.88 13.94 -3.53
C LEU B 9 -24.35 12.52 -3.54
N ALA B 10 -23.10 12.32 -3.11
CA ALA B 10 -22.52 10.99 -3.09
C ALA B 10 -23.22 10.06 -2.10
N LEU B 11 -23.69 10.62 -0.99
CA LEU B 11 -24.33 9.83 0.06
C LEU B 11 -25.78 9.52 -0.22
N SER B 12 -26.36 10.04 -1.30
CA SER B 12 -27.76 9.85 -1.63
C SER B 12 -27.92 9.38 -3.07
N LEU B 13 -27.18 8.33 -3.44
CA LEU B 13 -27.30 7.71 -4.75
C LEU B 13 -27.08 6.22 -4.62
N THR B 14 -27.80 5.45 -5.43
CA THR B 14 -27.71 4.00 -5.37
C THR B 14 -26.39 3.53 -5.97
N ALA B 15 -26.18 2.21 -5.92
CA ALA B 15 -24.91 1.65 -6.41
C ALA B 15 -24.81 1.79 -7.92
N ASP B 16 -25.90 1.53 -8.66
CA ASP B 16 -25.87 1.66 -10.10
C ASP B 16 -25.67 3.10 -10.54
N GLN B 17 -26.10 4.06 -9.72
CA GLN B 17 -25.81 5.46 -10.00
C GLN B 17 -24.35 5.81 -9.69
N MET B 18 -23.74 5.13 -8.71
CA MET B 18 -22.32 5.31 -8.46
C MET B 18 -21.49 4.82 -9.65
N VAL B 19 -21.87 3.69 -10.23
CA VAL B 19 -21.16 3.17 -11.39
C VAL B 19 -21.28 4.13 -12.57
N SER B 20 -22.50 4.63 -12.80
CA SER B 20 -22.74 5.51 -13.95
C SER B 20 -21.92 6.79 -13.85
N ALA B 21 -21.87 7.38 -12.65
CA ALA B 21 -21.10 8.61 -12.46
C ALA B 21 -19.62 8.37 -12.70
N LEU B 22 -19.09 7.25 -12.19
CA LEU B 22 -17.68 6.97 -12.35
C LEU B 22 -17.34 6.60 -13.79
N LEU B 23 -18.22 5.85 -14.46
CA LEU B 23 -17.98 5.48 -15.85
C LEU B 23 -18.03 6.68 -16.77
N ASP B 24 -18.99 7.58 -16.55
CA ASP B 24 -19.10 8.79 -17.36
C ASP B 24 -17.93 9.73 -17.16
N ALA B 25 -17.22 9.62 -16.02
CA ALA B 25 -16.11 10.52 -15.72
C ALA B 25 -14.77 9.97 -16.17
N GLU B 26 -14.74 8.81 -16.82
CA GLU B 26 -13.48 8.21 -17.23
C GLU B 26 -12.70 9.14 -18.15
N PRO B 27 -11.42 9.37 -17.89
CA PRO B 27 -10.61 10.17 -18.82
C PRO B 27 -10.36 9.40 -20.09
N PRO B 28 -10.00 10.09 -21.18
CA PRO B 28 -9.69 9.38 -22.42
C PRO B 28 -8.28 8.82 -22.43
N ILE B 29 -8.07 7.84 -23.31
CA ILE B 29 -6.74 7.28 -23.52
C ILE B 29 -6.00 8.19 -24.48
N LEU B 30 -4.88 8.76 -24.01
CA LEU B 30 -4.11 9.71 -24.80
C LEU B 30 -3.06 8.99 -25.64
N TYR B 31 -2.72 9.61 -26.76
CA TYR B 31 -1.70 9.09 -27.65
C TYR B 31 -0.34 9.68 -27.31
N SER B 32 0.71 9.00 -27.78
CA SER B 32 2.07 9.42 -27.57
C SER B 32 2.67 9.96 -28.86
N GLU B 33 3.75 10.72 -28.72
CA GLU B 33 4.51 11.24 -29.85
C GLU B 33 5.49 10.20 -30.41
N TYR B 34 5.27 8.93 -30.11
CA TYR B 34 6.22 7.88 -30.48
C TYR B 34 6.26 7.69 -31.99
N ASP B 35 7.47 7.61 -32.53
CA ASP B 35 7.68 7.34 -33.95
C ASP B 35 8.26 5.94 -34.11
N PRO B 36 7.49 4.98 -34.62
CA PRO B 36 8.03 3.62 -34.75
C PRO B 36 9.11 3.49 -35.82
N THR B 37 9.14 4.38 -36.81
CA THR B 37 10.19 4.31 -37.82
C THR B 37 11.56 4.57 -37.22
N ARG B 38 11.64 5.43 -36.20
CA ARG B 38 12.90 5.77 -35.58
C ARG B 38 12.97 5.21 -34.17
N PRO B 39 13.80 4.19 -33.91
CA PRO B 39 14.06 3.79 -32.53
C PRO B 39 15.12 4.68 -31.92
N PHE B 40 14.96 4.98 -30.63
CA PHE B 40 15.93 5.82 -29.93
C PHE B 40 16.14 5.25 -28.52
N SER B 41 16.87 6.01 -27.72
CA SER B 41 17.45 5.49 -26.48
C SER B 41 16.45 5.58 -25.33
N GLU B 42 16.93 5.29 -24.12
CA GLU B 42 16.07 5.37 -22.94
C GLU B 42 15.75 6.83 -22.59
N ALA B 43 16.69 7.74 -22.85
CA ALA B 43 16.47 9.14 -22.55
C ALA B 43 15.32 9.72 -23.36
N SER B 44 15.11 9.21 -24.57
CA SER B 44 13.99 9.64 -25.40
C SER B 44 12.73 8.82 -25.15
N MET B 45 12.88 7.53 -24.80
CA MET B 45 11.73 6.76 -24.36
C MET B 45 11.11 7.37 -23.11
N MET B 46 11.94 7.77 -22.15
CA MET B 46 11.42 8.45 -20.96
C MET B 46 10.86 9.82 -21.31
N GLY B 47 11.41 10.48 -22.32
CA GLY B 47 10.85 11.74 -22.76
C GLY B 47 9.44 11.60 -23.27
N LEU B 48 9.16 10.53 -24.01
CA LEU B 48 7.79 10.27 -24.45
C LEU B 48 6.89 9.95 -23.26
N LEU B 49 7.41 9.19 -22.29
CA LEU B 49 6.59 8.77 -21.15
C LEU B 49 6.30 9.95 -20.22
N THR B 50 7.27 10.83 -20.02
CA THR B 50 7.04 11.99 -19.16
C THR B 50 6.12 13.00 -19.84
N ASN B 51 6.23 13.14 -21.15
CA ASN B 51 5.30 14.00 -21.89
C ASN B 51 3.88 13.45 -21.79
N LEU B 52 3.73 12.13 -21.90
CA LEU B 52 2.41 11.51 -21.82
C LEU B 52 1.81 11.66 -20.43
N ALA B 53 2.60 11.36 -19.39
CA ALA B 53 2.10 11.45 -18.02
C ALA B 53 1.73 12.88 -17.66
N ASP B 54 2.44 13.86 -18.20
CA ASP B 54 2.10 15.25 -17.94
C ASP B 54 0.72 15.60 -18.49
N ARG B 55 0.45 15.18 -19.72
CA ARG B 55 -0.87 15.42 -20.31
C ARG B 55 -1.94 14.58 -19.63
N GLU B 56 -1.60 13.37 -19.17
CA GLU B 56 -2.56 12.55 -18.44
C GLU B 56 -2.92 13.18 -17.10
N LEU B 57 -1.99 13.87 -16.45
CA LEU B 57 -2.28 14.49 -15.16
C LEU B 57 -3.34 15.56 -15.28
N VAL B 58 -3.36 16.29 -16.41
CA VAL B 58 -4.36 17.33 -16.58
C VAL B 58 -5.76 16.73 -16.64
N HIS B 59 -5.91 15.60 -17.33
CA HIS B 59 -7.22 14.94 -17.39
C HIS B 59 -7.57 14.30 -16.06
N MET B 60 -6.57 13.80 -15.33
CA MET B 60 -6.83 13.18 -14.02
C MET B 60 -7.39 14.20 -13.04
N ILE B 61 -6.85 15.42 -13.05
CA ILE B 61 -7.30 16.44 -12.11
C ILE B 61 -8.75 16.79 -12.35
N ASN B 62 -9.15 16.96 -13.61
CA ASN B 62 -10.54 17.21 -13.94
C ASN B 62 -11.39 15.94 -13.83
N TRP B 63 -10.76 14.77 -13.82
CA TRP B 63 -11.50 13.55 -13.53
C TRP B 63 -11.84 13.45 -12.04
N ALA B 64 -10.93 13.89 -11.17
CA ALA B 64 -11.16 13.85 -9.74
C ALA B 64 -12.31 14.75 -9.33
N LYS B 65 -12.50 15.87 -10.02
CA LYS B 65 -13.63 16.75 -9.73
C LYS B 65 -14.96 16.04 -9.94
N ARG B 66 -15.00 15.05 -10.82
CA ARG B 66 -16.22 14.31 -11.10
C ARG B 66 -16.36 13.05 -10.26
N VAL B 67 -15.44 12.80 -9.33
CA VAL B 67 -15.57 11.66 -8.42
C VAL B 67 -16.49 12.05 -7.28
N PRO B 68 -17.54 11.26 -6.99
CA PRO B 68 -18.50 11.66 -5.95
C PRO B 68 -17.83 11.87 -4.60
N GLY B 69 -18.14 13.02 -3.98
CA GLY B 69 -17.60 13.38 -2.69
C GLY B 69 -16.32 14.20 -2.75
N PHE B 70 -15.64 14.24 -3.90
CA PHE B 70 -14.37 14.94 -3.98
C PHE B 70 -14.54 16.45 -3.96
N VAL B 71 -15.63 16.97 -4.54
CA VAL B 71 -15.86 18.40 -4.52
C VAL B 71 -16.25 18.86 -3.11
N ASP B 72 -16.86 17.98 -2.32
CA ASP B 72 -17.26 18.33 -0.96
C ASP B 72 -16.06 18.68 -0.09
N LEU B 73 -14.87 18.18 -0.42
CA LEU B 73 -13.69 18.46 0.38
C LEU B 73 -13.15 19.85 0.09
N THR B 74 -12.30 20.34 1.00
CA THR B 74 -11.67 21.64 0.83
C THR B 74 -10.55 21.54 -0.21
N LEU B 75 -10.13 22.71 -0.69
CA LEU B 75 -9.08 22.75 -1.72
C LEU B 75 -7.78 22.18 -1.20
N HIS B 76 -7.45 22.46 0.08
CA HIS B 76 -6.23 21.94 0.66
C HIS B 76 -6.24 20.41 0.71
N ASP B 77 -7.41 19.82 0.97
CA ASP B 77 -7.51 18.38 1.00
C ASP B 77 -7.47 17.79 -0.40
N GLN B 78 -8.10 18.46 -1.36
CA GLN B 78 -8.03 18.00 -2.75
C GLN B 78 -6.60 17.98 -3.26
N VAL B 79 -5.82 19.02 -2.92
CA VAL B 79 -4.42 19.07 -3.34
C VAL B 79 -3.65 17.91 -2.72
N HIS B 80 -3.87 17.65 -1.42
CA HIS B 80 -3.12 16.62 -0.73
C HIS B 80 -3.42 15.24 -1.30
N LEU B 81 -4.71 14.93 -1.52
CA LEU B 81 -5.08 13.61 -2.02
C LEU B 81 -4.46 13.34 -3.39
N LEU B 82 -4.51 14.32 -4.29
CA LEU B 82 -3.95 14.13 -5.63
C LEU B 82 -2.43 14.05 -5.59
N GLU B 83 -1.79 14.86 -4.76
CA GLU B 83 -0.33 14.88 -4.67
C GLU B 83 0.24 13.53 -4.24
N CYS B 84 -0.54 12.77 -3.48
CA CYS B 84 -0.07 11.50 -2.94
CA CYS B 84 -0.07 11.49 -2.95
C CYS B 84 -0.52 10.30 -3.78
N ALA B 85 -1.59 10.48 -4.55
CA ALA B 85 -2.17 9.36 -5.29
C ALA B 85 -1.94 9.37 -6.80
N TRP B 86 -1.42 10.49 -7.32
CA TRP B 86 -1.43 10.69 -8.77
C TRP B 86 -0.68 9.59 -9.51
N LEU B 87 0.44 9.11 -8.95
CA LEU B 87 1.20 8.05 -9.61
C LEU B 87 0.49 6.71 -9.48
N GLU B 88 -0.18 6.45 -8.35
CA GLU B 88 -0.96 5.22 -8.23
C GLU B 88 -2.08 5.18 -9.27
N ILE B 89 -2.70 6.33 -9.54
CA ILE B 89 -3.83 6.35 -10.47
C ILE B 89 -3.35 6.20 -11.90
N LEU B 90 -2.22 6.83 -12.25
CA LEU B 90 -1.61 6.58 -13.54
C LEU B 90 -1.24 5.12 -13.71
N MET B 91 -0.76 4.49 -12.63
CA MET B 91 -0.28 3.12 -12.73
C MET B 91 -1.43 2.12 -12.85
N ILE B 92 -2.51 2.33 -12.11
CA ILE B 92 -3.64 1.41 -12.23
C ILE B 92 -4.36 1.61 -13.55
N GLY B 93 -4.33 2.82 -14.09
CA GLY B 93 -4.87 3.03 -15.43
C GLY B 93 -4.01 2.37 -16.49
N LEU B 94 -2.69 2.47 -16.34
CA LEU B 94 -1.79 1.78 -17.26
C LEU B 94 -1.98 0.27 -17.20
N VAL B 95 -2.11 -0.27 -15.99
CA VAL B 95 -2.31 -1.71 -15.82
C VAL B 95 -3.65 -2.13 -16.40
N TRP B 96 -4.68 -1.28 -16.26
CA TRP B 96 -5.99 -1.61 -16.79
C TRP B 96 -5.96 -1.68 -18.32
N ARG B 97 -5.32 -0.69 -18.96
CA ARG B 97 -5.24 -0.69 -20.42
C ARG B 97 -4.44 -1.86 -20.96
N SER B 98 -3.56 -2.45 -20.16
CA SER B 98 -2.67 -3.51 -20.59
C SER B 98 -3.19 -4.91 -20.27
N MET B 99 -4.42 -5.02 -19.73
CA MET B 99 -4.96 -6.32 -19.34
C MET B 99 -4.95 -7.31 -20.50
N GLU B 100 -5.47 -6.88 -21.65
CA GLU B 100 -5.65 -7.76 -22.80
C GLU B 100 -4.42 -7.82 -23.70
N HIS B 101 -3.25 -7.43 -23.18
CA HIS B 101 -1.98 -7.52 -23.92
C HIS B 101 -0.96 -8.20 -23.02
N PRO B 102 -0.96 -9.54 -22.98
CA PRO B 102 -0.05 -10.26 -22.09
C PRO B 102 1.40 -9.97 -22.41
N GLY B 103 2.18 -9.74 -21.36
CA GLY B 103 3.60 -9.48 -21.49
C GLY B 103 3.98 -8.11 -21.99
N LYS B 104 3.01 -7.21 -22.17
CA LYS B 104 3.29 -5.88 -22.69
C LYS B 104 2.49 -4.85 -21.91
N LEU B 105 2.99 -3.62 -21.91
CA LEU B 105 2.34 -2.48 -21.26
C LEU B 105 1.90 -1.49 -22.31
N LEU B 106 0.59 -1.17 -22.33
CA LEU B 106 0.03 -0.25 -23.32
C LEU B 106 0.03 1.15 -22.72
N PHE B 107 1.17 1.83 -22.85
CA PHE B 107 1.26 3.22 -22.41
C PHE B 107 0.35 4.11 -23.26
N ALA B 108 0.25 3.82 -24.54
CA ALA B 108 -0.64 4.51 -25.46
C ALA B 108 -1.04 3.53 -26.55
N PRO B 109 -2.15 3.77 -27.25
CA PRO B 109 -2.54 2.85 -28.32
C PRO B 109 -1.47 2.66 -29.38
N ASN B 110 -0.58 3.64 -29.56
CA ASN B 110 0.54 3.53 -30.47
C ASN B 110 1.84 3.19 -29.77
N LEU B 111 1.84 3.03 -28.44
CA LEU B 111 3.04 2.76 -27.65
C LEU B 111 2.78 1.53 -26.78
N LEU B 112 3.02 0.36 -27.33
CA LEU B 112 2.90 -0.92 -26.62
C LEU B 112 4.30 -1.46 -26.42
N LEU B 113 4.75 -1.50 -25.16
CA LEU B 113 6.16 -1.74 -24.84
C LEU B 113 6.39 -3.13 -24.28
N ASP B 114 7.50 -3.73 -24.68
CA ASP B 114 8.00 -5.00 -24.16
C ASP B 114 8.88 -4.74 -22.93
N ARG B 115 9.05 -5.78 -22.11
CA ARG B 115 9.92 -5.63 -20.95
C ARG B 115 11.38 -5.51 -21.36
N ASN B 116 11.74 -6.04 -22.53
CA ASN B 116 13.10 -5.90 -23.03
C ASN B 116 13.39 -4.48 -23.45
N GLN B 117 12.38 -3.76 -23.97
CA GLN B 117 12.57 -2.37 -24.37
C GLN B 117 12.55 -1.44 -23.15
N GLY B 118 11.78 -1.79 -22.12
CA GLY B 118 11.80 -1.01 -20.89
C GLY B 118 13.08 -1.14 -20.11
N LYS B 119 13.89 -2.16 -20.41
CA LYS B 119 15.18 -2.34 -19.75
C LYS B 119 16.22 -1.33 -20.20
N CYS B 120 15.90 -0.52 -21.23
CA CYS B 120 16.84 0.51 -21.67
C CYS B 120 17.08 1.53 -20.57
N VAL B 121 16.05 1.86 -19.81
CA VAL B 121 16.18 2.79 -18.70
C VAL B 121 16.71 2.04 -17.48
N GLU B 122 17.70 2.62 -16.81
CA GLU B 122 18.30 1.98 -15.66
C GLU B 122 17.32 2.01 -14.49
N GLY B 123 16.92 0.84 -14.02
CA GLY B 123 16.02 0.71 -12.89
C GLY B 123 14.58 0.46 -13.26
N MET B 124 14.18 0.75 -14.51
CA MET B 124 12.81 0.55 -14.93
C MET B 124 12.42 -0.92 -15.06
N VAL B 125 13.40 -1.83 -15.03
CA VAL B 125 13.10 -3.24 -15.26
C VAL B 125 12.17 -3.78 -14.18
N GLU B 126 12.53 -3.55 -12.90
CA GLU B 126 11.72 -4.09 -11.81
C GLU B 126 10.33 -3.48 -11.80
N ILE B 127 10.23 -2.18 -12.08
CA ILE B 127 8.91 -1.53 -12.08
C ILE B 127 8.08 -2.02 -13.26
N PHE B 128 8.71 -2.31 -14.40
CA PHE B 128 7.99 -2.91 -15.51
C PHE B 128 7.44 -4.28 -15.15
N ASP B 129 8.25 -5.10 -14.46
CA ASP B 129 7.82 -6.45 -14.12
C ASP B 129 6.66 -6.43 -13.12
N MET B 130 6.67 -5.48 -12.19
CA MET B 130 5.58 -5.37 -11.23
C MET B 130 4.29 -4.93 -11.91
N LEU B 131 4.37 -3.96 -12.82
CA LEU B 131 3.20 -3.55 -13.58
C LEU B 131 2.68 -4.68 -14.44
N LEU B 132 3.58 -5.48 -15.02
CA LEU B 132 3.16 -6.65 -15.78
C LEU B 132 2.45 -7.66 -14.88
N ALA B 133 3.03 -7.94 -13.71
CA ALA B 133 2.41 -8.88 -12.78
C ALA B 133 1.05 -8.38 -12.30
N THR B 134 0.90 -7.06 -12.10
CA THR B 134 -0.40 -6.52 -11.74
C THR B 134 -1.41 -6.71 -12.87
N SER B 135 -0.96 -6.52 -14.12
CA SER B 135 -1.84 -6.72 -15.26
C SER B 135 -2.22 -8.18 -15.43
N SER B 136 -1.26 -9.08 -15.19
CA SER B 136 -1.58 -10.50 -15.25
C SER B 136 -2.56 -10.90 -14.16
N ARG B 137 -2.53 -10.22 -13.01
CA ARG B 137 -3.48 -10.53 -11.95
C ARG B 137 -4.89 -10.08 -12.31
N PHE B 138 -5.02 -8.86 -12.84
CA PHE B 138 -6.33 -8.38 -13.27
C PHE B 138 -6.92 -9.29 -14.35
N ARG B 139 -6.05 -9.83 -15.21
CA ARG B 139 -6.53 -10.77 -16.23
C ARG B 139 -6.95 -12.09 -15.60
N MET B 140 -6.21 -12.55 -14.59
CA MET B 140 -6.60 -13.77 -13.89
C MET B 140 -7.95 -13.61 -13.19
N MET B 141 -8.17 -12.46 -12.57
CA MET B 141 -9.42 -12.20 -11.86
C MET B 141 -10.57 -11.81 -12.78
N ASN B 142 -10.30 -11.56 -14.06
CA ASN B 142 -11.29 -11.06 -15.00
C ASN B 142 -11.92 -9.77 -14.47
N LEU B 143 -11.06 -8.79 -14.22
CA LEU B 143 -11.51 -7.51 -13.67
C LEU B 143 -12.45 -6.81 -14.63
N GLN B 144 -13.58 -6.35 -14.11
CA GLN B 144 -14.56 -5.63 -14.90
C GLN B 144 -14.32 -4.13 -14.80
N GLY B 145 -14.73 -3.40 -15.85
CA GLY B 145 -14.57 -1.96 -15.85
C GLY B 145 -15.32 -1.28 -14.73
N GLU B 146 -16.45 -1.85 -14.32
CA GLU B 146 -17.19 -1.30 -13.19
C GLU B 146 -16.41 -1.45 -11.89
N GLU B 147 -15.58 -2.49 -11.77
CA GLU B 147 -14.75 -2.64 -10.59
C GLU B 147 -13.50 -1.78 -10.67
N PHE B 148 -12.95 -1.59 -11.87
CA PHE B 148 -11.75 -0.76 -12.03
C PHE B 148 -12.03 0.68 -11.64
N VAL B 149 -13.16 1.22 -12.07
CA VAL B 149 -13.48 2.62 -11.74
C VAL B 149 -13.76 2.77 -10.25
N CYS B 150 -14.23 1.71 -9.59
CA CYS B 150 -14.39 1.75 -8.15
C CYS B 150 -13.03 1.74 -7.46
N LEU B 151 -12.13 0.86 -7.89
CA LEU B 151 -10.81 0.78 -7.29
C LEU B 151 -10.03 2.07 -7.48
N LYS B 152 -10.10 2.66 -8.68
CA LYS B 152 -9.36 3.88 -8.95
C LYS B 152 -9.87 5.03 -8.08
N SER B 153 -11.19 5.09 -7.85
CA SER B 153 -11.72 6.12 -6.97
C SER B 153 -11.37 5.86 -5.51
N ILE B 154 -11.27 4.58 -5.12
CA ILE B 154 -10.82 4.26 -3.77
C ILE B 154 -9.39 4.74 -3.55
N ILE B 155 -8.54 4.59 -4.56
CA ILE B 155 -7.15 5.04 -4.46
C ILE B 155 -7.09 6.54 -4.21
N LEU B 156 -7.95 7.30 -4.91
CA LEU B 156 -7.92 8.76 -4.78
C LEU B 156 -8.25 9.19 -3.36
N LEU B 157 -9.28 8.59 -2.76
CA LEU B 157 -9.74 9.03 -1.46
C LEU B 157 -8.92 8.45 -0.32
N ASN B 158 -8.34 7.26 -0.50
CA ASN B 158 -7.73 6.54 0.61
C ASN B 158 -6.24 6.84 0.78
N SER B 159 -5.52 7.08 -0.32
CA SER B 159 -4.06 7.11 -0.25
C SER B 159 -3.50 8.31 0.51
N GLY B 160 -4.32 9.32 0.79
CA GLY B 160 -3.80 10.49 1.48
C GLY B 160 -4.59 10.88 2.72
N VAL B 161 -5.55 10.04 3.10
CA VAL B 161 -6.42 10.38 4.22
C VAL B 161 -5.74 10.20 5.57
N TYR B 162 -4.65 9.43 5.64
CA TYR B 162 -3.92 9.26 6.89
C TYR B 162 -2.76 10.24 7.02
N THR B 163 -2.23 10.76 5.92
CA THR B 163 -1.14 11.71 5.97
C THR B 163 -1.67 13.14 5.81
N THR B 168 -9.23 21.37 13.81
CA THR B 168 -8.89 20.03 14.26
C THR B 168 -10.13 19.16 14.32
N LEU B 169 -11.10 19.56 15.14
CA LEU B 169 -12.36 18.83 15.24
C LEU B 169 -13.14 18.90 13.93
N LYS B 170 -13.01 20.00 13.18
CA LYS B 170 -13.66 20.10 11.89
C LYS B 170 -12.99 19.20 10.87
N SER B 171 -11.66 19.02 10.96
CA SER B 171 -10.95 18.10 10.08
C SER B 171 -11.30 16.65 10.36
N LEU B 172 -11.73 16.33 11.59
CA LEU B 172 -12.17 14.97 11.87
C LEU B 172 -13.46 14.64 11.12
N GLU B 173 -14.35 15.62 10.98
CA GLU B 173 -15.56 15.41 10.18
C GLU B 173 -15.24 15.34 8.69
N GLU B 174 -14.13 15.96 8.28
CA GLU B 174 -13.71 15.84 6.88
C GLU B 174 -13.18 14.45 6.57
N LYS B 175 -12.34 13.90 7.46
CA LYS B 175 -11.88 12.53 7.29
C LYS B 175 -13.03 11.54 7.45
N ASP B 176 -14.01 11.86 8.31
CA ASP B 176 -15.18 10.99 8.44
C ASP B 176 -16.01 11.01 7.18
N HIS B 177 -16.13 12.18 6.53
CA HIS B 177 -16.84 12.24 5.26
C HIS B 177 -16.12 11.45 4.17
N ILE B 178 -14.79 11.42 4.20
CA ILE B 178 -14.05 10.63 3.21
C ILE B 178 -14.30 9.15 3.43
N HIS B 179 -14.35 8.71 4.69
CA HIS B 179 -14.64 7.31 4.96
C HIS B 179 -16.09 6.97 4.66
N ARG B 180 -16.99 7.96 4.71
CA ARG B 180 -18.37 7.73 4.30
C ARG B 180 -18.44 7.38 2.82
N VAL B 181 -17.73 8.15 1.99
CA VAL B 181 -17.72 7.87 0.56
C VAL B 181 -17.02 6.54 0.28
N LEU B 182 -15.93 6.26 1.02
CA LEU B 182 -15.23 5.00 0.84
C LEU B 182 -16.12 3.81 1.16
N ASP B 183 -16.89 3.90 2.25
CA ASP B 183 -17.80 2.81 2.60
C ASP B 183 -18.88 2.64 1.54
N LYS B 184 -19.33 3.73 0.93
CA LYS B 184 -20.37 3.61 -0.09
C LYS B 184 -19.81 3.04 -1.39
N ILE B 185 -18.53 3.27 -1.68
CA ILE B 185 -17.90 2.62 -2.82
C ILE B 185 -17.73 1.13 -2.56
N THR B 186 -17.49 0.75 -1.30
CA THR B 186 -17.44 -0.66 -0.95
C THR B 186 -18.79 -1.32 -1.20
N ASP B 187 -19.88 -0.65 -0.82
CA ASP B 187 -21.22 -1.17 -1.11
C ASP B 187 -21.42 -1.36 -2.61
N THR B 188 -20.86 -0.45 -3.41
CA THR B 188 -20.98 -0.57 -4.86
C THR B 188 -20.25 -1.81 -5.38
N LEU B 189 -19.06 -2.08 -4.84
CA LEU B 189 -18.31 -3.26 -5.26
C LEU B 189 -19.06 -4.54 -4.89
N ILE B 190 -19.61 -4.60 -3.69
CA ILE B 190 -20.39 -5.77 -3.29
C ILE B 190 -21.66 -5.88 -4.13
N HIS B 191 -22.28 -4.75 -4.44
CA HIS B 191 -23.46 -4.76 -5.31
C HIS B 191 -23.12 -5.32 -6.68
N LEU B 192 -21.95 -4.98 -7.22
CA LEU B 192 -21.54 -5.49 -8.51
C LEU B 192 -21.32 -7.00 -8.47
N MET B 193 -20.66 -7.50 -7.43
CA MET B 193 -20.36 -8.92 -7.35
C MET B 193 -21.61 -9.76 -7.12
N ALA B 194 -22.59 -9.23 -6.37
CA ALA B 194 -23.84 -9.94 -6.20
C ALA B 194 -24.60 -10.08 -7.52
N LYS B 195 -24.46 -9.10 -8.42
CA LYS B 195 -25.13 -9.17 -9.71
C LYS B 195 -24.47 -10.18 -10.63
N ALA B 196 -23.18 -10.44 -10.44
CA ALA B 196 -22.45 -11.40 -11.25
C ALA B 196 -22.65 -12.84 -10.81
N GLY B 197 -23.55 -13.09 -9.86
CA GLY B 197 -23.85 -14.43 -9.42
C GLY B 197 -22.99 -14.98 -8.31
N LEU B 198 -22.09 -14.17 -7.75
CA LEU B 198 -21.19 -14.64 -6.71
C LEU B 198 -21.92 -14.79 -5.38
N THR B 199 -21.59 -15.84 -4.65
CA THR B 199 -22.14 -16.04 -3.32
C THR B 199 -21.55 -15.02 -2.34
N LEU B 200 -22.15 -14.94 -1.15
CA LEU B 200 -21.65 -14.03 -0.13
C LEU B 200 -20.20 -14.33 0.23
N GLN B 201 -19.80 -15.61 0.18
CA GLN B 201 -18.40 -15.94 0.40
C GLN B 201 -17.54 -15.48 -0.75
N GLN B 202 -18.03 -15.63 -1.99
CA GLN B 202 -17.24 -15.21 -3.15
C GLN B 202 -17.14 -13.69 -3.25
N GLN B 203 -18.18 -12.97 -2.82
CA GLN B 203 -18.13 -11.51 -2.84
C GLN B 203 -17.06 -10.98 -1.89
N HIS B 204 -17.03 -11.50 -0.65
CA HIS B 204 -16.07 -11.03 0.33
C HIS B 204 -14.64 -11.37 -0.09
N GLN B 205 -14.44 -12.57 -0.64
CA GLN B 205 -13.11 -12.97 -1.08
C GLN B 205 -12.61 -12.08 -2.22
N ARG B 206 -13.47 -11.89 -3.24
CA ARG B 206 -13.08 -11.05 -4.37
C ARG B 206 -12.84 -9.61 -3.94
N LEU B 207 -13.63 -9.13 -2.97
CA LEU B 207 -13.41 -7.78 -2.45
C LEU B 207 -12.04 -7.66 -1.80
N ALA B 208 -11.64 -8.67 -1.03
CA ALA B 208 -10.32 -8.65 -0.41
C ALA B 208 -9.21 -8.72 -1.45
N GLN B 209 -9.37 -9.59 -2.45
CA GLN B 209 -8.36 -9.72 -3.49
C GLN B 209 -8.15 -8.41 -4.24
N LEU B 210 -9.23 -7.67 -4.50
CA LEU B 210 -9.10 -6.41 -5.20
C LEU B 210 -8.38 -5.37 -4.36
N LEU B 211 -8.71 -5.29 -3.07
CA LEU B 211 -8.10 -4.27 -2.22
C LEU B 211 -6.67 -4.60 -1.85
N LEU B 212 -6.31 -5.89 -1.82
CA LEU B 212 -4.92 -6.25 -1.55
C LEU B 212 -4.00 -5.85 -2.69
N ILE B 213 -4.52 -5.82 -3.93
CA ILE B 213 -3.73 -5.34 -5.07
C ILE B 213 -3.38 -3.88 -4.89
N LEU B 214 -4.23 -3.12 -4.19
CA LEU B 214 -3.95 -1.70 -3.96
C LEU B 214 -2.70 -1.52 -3.11
N SER B 215 -2.35 -2.51 -2.28
CA SER B 215 -1.11 -2.45 -1.54
C SER B 215 0.10 -2.53 -2.48
N HIS B 216 0.01 -3.39 -3.49
N HIS B 216 0.01 -3.37 -3.51
CA HIS B 216 1.09 -3.51 -4.47
CA HIS B 216 1.11 -3.49 -4.45
C HIS B 216 1.19 -2.26 -5.34
C HIS B 216 1.18 -2.30 -5.40
N ILE B 217 0.05 -1.61 -5.63
CA ILE B 217 0.08 -0.41 -6.44
C ILE B 217 0.74 0.73 -5.68
N ARG B 218 0.49 0.81 -4.36
CA ARG B 218 1.22 1.74 -3.53
C ARG B 218 2.72 1.45 -3.56
N HIS B 219 3.08 0.17 -3.49
CA HIS B 219 4.49 -0.22 -3.56
C HIS B 219 5.12 0.20 -4.88
N MET B 220 4.46 -0.11 -5.99
CA MET B 220 4.95 0.33 -7.30
C MET B 220 5.06 1.85 -7.36
N SER B 221 4.10 2.56 -6.76
CA SER B 221 4.12 4.02 -6.80
C SER B 221 5.30 4.56 -5.99
N ASN B 222 5.53 4.03 -4.80
CA ASN B 222 6.65 4.49 -3.98
C ASN B 222 7.97 4.24 -4.69
N LYS B 223 8.18 3.02 -5.21
CA LYS B 223 9.38 2.74 -5.98
C LYS B 223 9.47 3.61 -7.22
N GLY B 224 8.33 3.82 -7.90
CA GLY B 224 8.32 4.66 -9.08
C GLY B 224 8.66 6.10 -8.75
N MET B 225 8.22 6.58 -7.59
CA MET B 225 8.54 7.95 -7.18
C MET B 225 10.03 8.12 -6.93
N GLU B 226 10.71 7.07 -6.46
CA GLU B 226 12.15 7.15 -6.24
C GLU B 226 12.90 7.31 -7.56
N HIS B 227 12.43 6.64 -8.62
CA HIS B 227 13.11 6.73 -9.90
C HIS B 227 12.88 8.09 -10.55
N LEU B 228 11.70 8.68 -10.37
CA LEU B 228 11.43 10.02 -10.89
C LEU B 228 12.34 11.05 -10.23
N TYR B 229 12.62 10.87 -8.93
CA TYR B 229 13.56 11.76 -8.25
C TYR B 229 14.98 11.59 -8.79
N SER B 230 15.32 10.40 -9.27
CA SER B 230 16.64 10.18 -9.83
C SER B 230 16.78 10.81 -11.21
N MET B 231 15.71 10.81 -12.00
CA MET B 231 15.76 11.44 -13.31
C MET B 231 15.89 12.95 -13.20
N LYS B 232 15.25 13.54 -12.19
CA LYS B 232 15.32 14.99 -11.98
C LYS B 232 16.74 15.45 -11.69
N CYS B 233 17.42 14.70 -10.83
CA CYS B 233 18.81 15.03 -10.46
C CYS B 233 19.80 14.69 -11.57
N LYS B 234 19.52 13.63 -12.32
CA LYS B 234 20.34 13.28 -13.48
C LYS B 234 20.18 14.37 -14.53
N ASN B 235 18.99 14.97 -14.58
CA ASN B 235 18.69 16.10 -15.46
C ASN B 235 18.93 15.73 -16.92
N VAL B 236 18.56 14.52 -17.30
CA VAL B 236 18.71 14.07 -18.67
C VAL B 236 17.37 13.92 -19.40
N VAL B 237 16.28 13.68 -18.67
CA VAL B 237 14.95 13.53 -19.25
C VAL B 237 14.17 14.80 -18.92
N PRO B 238 13.53 15.44 -19.90
CA PRO B 238 12.76 16.66 -19.60
C PRO B 238 11.55 16.36 -18.74
N LEU B 239 11.42 17.10 -17.64
CA LEU B 239 10.30 16.97 -16.73
C LEU B 239 9.51 18.27 -16.72
N SER B 240 8.20 18.17 -16.93
CA SER B 240 7.36 19.35 -16.97
C SER B 240 7.23 19.96 -15.58
N ASP B 241 6.69 21.19 -15.54
CA ASP B 241 6.59 21.91 -14.28
C ASP B 241 5.54 21.28 -13.35
N LEU B 242 4.49 20.69 -13.91
CA LEU B 242 3.50 20.04 -13.05
C LEU B 242 4.06 18.77 -12.43
N LEU B 243 4.75 17.96 -13.22
CA LEU B 243 5.36 16.73 -12.69
C LEU B 243 6.38 17.04 -11.61
N LEU B 244 7.14 18.13 -11.77
CA LEU B 244 8.10 18.52 -10.75
C LEU B 244 7.41 18.92 -9.45
N GLU B 245 6.26 19.61 -9.56
CA GLU B 245 5.52 19.99 -8.36
C GLU B 245 4.90 18.78 -7.68
N MET B 246 4.40 17.82 -8.47
CA MET B 246 3.87 16.59 -7.89
C MET B 246 4.97 15.76 -7.27
N LEU B 247 6.14 15.70 -7.91
CA LEU B 247 7.25 14.92 -7.37
C LEU B 247 7.82 15.55 -6.10
N ASP B 248 7.82 16.88 -6.02
CA ASP B 248 8.29 17.55 -4.81
C ASP B 248 7.38 17.29 -3.63
N ALA B 249 6.10 16.99 -3.88
CA ALA B 249 5.17 16.71 -2.79
C ALA B 249 5.50 15.41 -2.06
N HIS B 250 6.24 14.49 -2.70
CA HIS B 250 6.61 13.24 -2.07
C HIS B 250 8.00 13.24 -1.47
N ARG B 251 8.83 14.21 -1.82
CA ARG B 251 10.20 14.26 -1.31
C ARG B 251 10.37 15.45 -0.36
N HIS C 2 23.67 -17.11 0.09
CA HIS C 2 24.55 -16.91 1.23
C HIS C 2 23.96 -15.88 2.19
N LYS C 3 22.80 -16.20 2.75
CA LYS C 3 22.06 -15.26 3.58
C LYS C 3 21.70 -15.89 4.92
N ILE C 4 21.64 -15.04 5.95
CA ILE C 4 21.33 -15.51 7.30
C ILE C 4 19.88 -15.97 7.37
N LEU C 5 18.98 -15.32 6.62
CA LEU C 5 17.57 -15.68 6.65
C LEU C 5 17.34 -17.15 6.28
N HIS C 6 18.18 -17.69 5.40
CA HIS C 6 18.10 -19.12 5.09
C HIS C 6 18.31 -19.96 6.35
N ARG C 7 19.29 -19.59 7.17
CA ARG C 7 19.62 -20.40 8.35
C ARG C 7 18.50 -20.36 9.37
N LEU C 8 17.97 -19.16 9.65
CA LEU C 8 16.94 -19.04 10.67
C LEU C 8 15.63 -19.68 10.24
N LEU C 9 15.39 -19.78 8.93
CA LEU C 9 14.19 -20.46 8.44
C LEU C 9 14.29 -21.97 8.56
N GLN C 10 15.50 -22.52 8.71
CA GLN C 10 15.68 -23.95 8.84
C GLN C 10 15.94 -24.39 10.28
N ASP C 11 16.45 -23.50 11.12
CA ASP C 11 16.72 -23.84 12.52
C ASP C 11 15.62 -23.31 13.43
N LYS D 3 1.06 26.73 -6.78
CA LYS D 3 1.05 25.37 -7.32
C LYS D 3 0.17 25.27 -8.57
N ILE D 4 0.65 24.53 -9.56
CA ILE D 4 -0.13 24.32 -10.77
C ILE D 4 -1.35 23.46 -10.47
N LEU D 5 -1.20 22.46 -9.59
CA LEU D 5 -2.33 21.65 -9.17
C LEU D 5 -3.36 22.49 -8.41
N HIS D 6 -2.88 23.38 -7.55
CA HIS D 6 -3.78 24.29 -6.84
C HIS D 6 -4.58 25.13 -7.81
N ARG D 7 -3.95 25.58 -8.90
CA ARG D 7 -4.63 26.41 -9.88
C ARG D 7 -5.54 25.57 -10.77
N LEU D 8 -5.08 24.39 -11.20
CA LEU D 8 -5.88 23.55 -12.09
C LEU D 8 -7.14 23.06 -11.41
N LEU D 9 -7.08 22.80 -10.10
CA LEU D 9 -8.29 22.48 -9.35
C LEU D 9 -9.21 23.69 -9.24
N GLN D 10 -8.64 24.89 -9.26
CA GLN D 10 -9.44 26.11 -9.16
C GLN D 10 -10.05 26.51 -10.49
N ASP D 11 -9.40 26.21 -11.59
CA ASP D 11 -9.86 26.67 -12.91
C ASP D 11 -11.20 26.04 -13.25
N SER D 12 -12.18 26.90 -13.53
CA SER D 12 -13.53 26.43 -13.86
C SER D 12 -14.12 27.26 -15.01
#